data_1T7N
#
_entry.id   1T7N
#
_cell.length_a   72.190
_cell.length_b   72.190
_cell.length_c   128.820
_cell.angle_alpha   90.00
_cell.angle_beta   90.00
_cell.angle_gamma   90.00
#
_symmetry.space_group_name_H-M   'P 43'
#
loop_
_entity.id
_entity.type
_entity.pdbx_description
1 polymer 'Carnitine acetyltransferase'
2 water water
#
_entity_poly.entity_id   1
_entity_poly.type   'polypeptide(L)'
_entity_poly.pdbx_seq_one_letter_code
;MGSSHHHHHHSSGLVPRGSHMAHQDALPRLPVPPLQQSLDYYLKALQPIVSEEEWAHTKQLVDEFQTSGGVGERLQKGLE
RRAKKMENWLSEWWLKTAYLQFRQPVVIYSSPGVILPKQDFVDLQGQLRFAAKLIEGVLDFKSMIDNETLPVEFLGGQPL
CMNQYYQILSSCRVPGPKQDSVVNFLKSKRPPTHITVVHNYQFFELDVYHSDGTPLTSDQIFVQLEKIWNSSLQSNKEPV
GILTSNHRNTWAKAYNNLIKDKVNRESVNSIQKSIFTVCLDKQVPRVSDDVYRNHVAGQMLHGGGSKFNSGNRWFDKTLQ
FIVAEDGSCGMVYEHAAAEGPPIVALVDHVMEYTKKPELVRSPMVPLPMPKKLRFNITPEIKNDIEKAKQNLSIMIQDLD
IMMLTFHHFGKDFPKSEKLSPDAFIQVALQLAYYRIYGQACATYESASLRMFHLGRTDTIRSASIDSLAFVKGMGDSTVP
EQQKVELLRKAVQAHRAYTDRAIRGEAFDRHLLGLKLQAIEDLVSMPDIFMDTSYAIAMHFNLSTSQVPAKTDCVGFFGP
VVPDGYGICYNPMEAHINFSVSAYNSCAETNAARMAHYLEKALLDMRTLLQNHPRAKL
;
_entity_poly.pdbx_strand_id   A
#
# COMPACT_ATOMS: atom_id res chain seq x y z
N SER A 19 -0.81 2.92 -21.33
CA SER A 19 -1.85 3.55 -22.18
C SER A 19 -1.27 3.93 -23.55
N HIS A 20 -1.62 5.12 -24.04
CA HIS A 20 -1.15 5.60 -25.33
C HIS A 20 0.32 5.23 -25.60
N MET A 21 0.54 4.59 -26.74
CA MET A 21 1.88 4.14 -27.13
C MET A 21 2.90 5.28 -27.22
N ALA A 22 2.50 6.39 -27.84
CA ALA A 22 3.37 7.54 -28.00
C ALA A 22 3.78 8.13 -26.65
N HIS A 23 2.83 8.14 -25.72
CA HIS A 23 3.09 8.68 -24.38
C HIS A 23 4.21 7.86 -23.72
N GLN A 24 3.99 6.56 -23.63
CA GLN A 24 4.98 5.65 -23.02
C GLN A 24 6.34 5.72 -23.71
N ASP A 25 6.34 5.81 -25.04
CA ASP A 25 7.61 5.86 -25.76
C ASP A 25 8.43 7.11 -25.47
N ALA A 26 7.75 8.20 -25.10
CA ALA A 26 8.41 9.46 -24.79
C ALA A 26 8.96 9.49 -23.36
N LEU A 27 8.65 8.48 -22.57
CA LEU A 27 9.11 8.46 -21.17
C LEU A 27 10.61 8.20 -21.06
N PRO A 28 11.30 8.96 -20.18
CA PRO A 28 12.74 8.75 -20.01
C PRO A 28 12.93 7.41 -19.28
N ARG A 29 14.09 6.79 -19.44
CA ARG A 29 14.32 5.50 -18.76
C ARG A 29 14.85 5.77 -17.36
N LEU A 30 14.60 4.85 -16.42
CA LEU A 30 15.07 5.04 -15.06
C LEU A 30 16.59 5.18 -15.10
N PRO A 31 17.12 6.25 -14.52
CA PRO A 31 18.56 6.45 -14.55
C PRO A 31 19.31 5.72 -13.45
N VAL A 32 20.64 5.76 -13.55
CA VAL A 32 21.51 5.18 -12.54
C VAL A 32 22.24 6.43 -12.05
N PRO A 33 21.95 6.88 -10.82
CA PRO A 33 22.60 8.09 -10.31
C PRO A 33 24.11 7.93 -10.20
N PRO A 34 24.86 9.04 -10.20
CA PRO A 34 26.31 8.92 -10.08
C PRO A 34 26.62 8.28 -8.73
N LEU A 35 27.64 7.44 -8.67
CA LEU A 35 27.97 6.76 -7.43
C LEU A 35 28.29 7.77 -6.31
N GLN A 36 29.07 8.80 -6.64
CA GLN A 36 29.45 9.81 -5.65
C GLN A 36 28.24 10.56 -5.09
N GLN A 37 27.27 10.82 -5.95
CA GLN A 37 26.05 11.54 -5.57
C GLN A 37 25.24 10.77 -4.53
N SER A 38 24.91 9.51 -4.85
CA SER A 38 24.13 8.70 -3.93
C SER A 38 24.84 8.45 -2.59
N LEU A 39 26.14 8.21 -2.63
CA LEU A 39 26.89 7.95 -1.42
C LEU A 39 26.96 9.20 -0.53
N ASP A 40 27.03 10.37 -1.14
CA ASP A 40 27.07 11.60 -0.37
C ASP A 40 25.71 11.80 0.29
N TYR A 41 24.64 11.55 -0.46
CA TYR A 41 23.30 11.69 0.08
C TYR A 41 23.10 10.66 1.19
N TYR A 42 23.63 9.46 0.98
CA TYR A 42 23.50 8.41 1.99
C TYR A 42 24.12 8.86 3.30
N LEU A 43 25.35 9.34 3.25
CA LEU A 43 26.02 9.79 4.46
C LEU A 43 25.22 10.88 5.17
N LYS A 44 24.65 11.81 4.40
CA LYS A 44 23.87 12.90 4.97
C LYS A 44 22.64 12.38 5.71
N ALA A 45 22.02 11.35 5.14
CA ALA A 45 20.81 10.76 5.73
C ALA A 45 21.12 9.91 6.96
N LEU A 46 22.36 9.47 7.09
CA LEU A 46 22.77 8.64 8.23
C LEU A 46 23.09 9.46 9.48
N GLN A 47 23.57 10.68 9.27
CA GLN A 47 23.99 11.53 10.37
C GLN A 47 23.06 11.59 11.57
N PRO A 48 21.77 11.86 11.35
CA PRO A 48 20.84 11.94 12.47
C PRO A 48 20.39 10.62 13.08
N ILE A 49 20.73 9.49 12.47
CA ILE A 49 20.27 8.21 13.01
C ILE A 49 21.33 7.19 13.43
N VAL A 50 22.60 7.56 13.41
CA VAL A 50 23.65 6.65 13.85
C VAL A 50 24.62 7.43 14.74
N SER A 51 25.44 6.72 15.52
CA SER A 51 26.38 7.40 16.42
C SER A 51 27.51 8.05 15.64
N GLU A 52 28.22 8.97 16.27
CA GLU A 52 29.34 9.64 15.61
C GLU A 52 30.38 8.60 15.23
N GLU A 53 30.47 7.55 16.03
CA GLU A 53 31.43 6.47 15.81
C GLU A 53 31.06 5.65 14.58
N GLU A 54 29.81 5.23 14.51
CA GLU A 54 29.33 4.44 13.38
C GLU A 54 29.37 5.23 12.08
N TRP A 55 29.17 6.54 12.17
CA TRP A 55 29.16 7.38 10.97
C TRP A 55 30.57 7.56 10.41
N ALA A 56 31.53 7.77 11.29
CA ALA A 56 32.92 7.94 10.86
C ALA A 56 33.39 6.68 10.16
N HIS A 57 32.96 5.52 10.66
CA HIS A 57 33.36 4.26 10.06
C HIS A 57 32.74 4.13 8.68
N THR A 58 31.44 4.41 8.59
CA THR A 58 30.74 4.33 7.31
C THR A 58 31.37 5.30 6.34
N LYS A 59 31.78 6.46 6.83
CA LYS A 59 32.42 7.44 5.98
C LYS A 59 33.66 6.79 5.33
N GLN A 60 34.41 6.04 6.12
CA GLN A 60 35.60 5.37 5.61
C GLN A 60 35.24 4.28 4.59
N LEU A 61 34.23 3.47 4.92
CA LEU A 61 33.80 2.41 4.02
C LEU A 61 33.36 2.98 2.67
N VAL A 62 32.62 4.09 2.72
CA VAL A 62 32.16 4.75 1.51
C VAL A 62 33.34 5.20 0.64
N ASP A 63 34.36 5.78 1.28
CA ASP A 63 35.53 6.22 0.52
C ASP A 63 36.15 5.02 -0.18
N GLU A 64 36.34 3.93 0.57
CA GLU A 64 36.92 2.71 0.04
C GLU A 64 36.09 2.12 -1.09
N PHE A 65 34.77 2.14 -0.92
CA PHE A 65 33.84 1.59 -1.91
C PHE A 65 33.94 2.24 -3.29
N GLN A 66 34.12 3.56 -3.32
CA GLN A 66 34.19 4.25 -4.61
C GLN A 66 35.59 4.59 -5.09
N THR A 67 36.61 3.97 -4.50
CA THR A 67 37.98 4.26 -4.90
C THR A 67 38.20 3.82 -6.35
N SER A 68 39.06 4.53 -7.06
CA SER A 68 39.34 4.21 -8.46
C SER A 68 39.72 2.75 -8.65
N GLY A 69 39.08 2.10 -9.61
CA GLY A 69 39.36 0.70 -9.88
C GLY A 69 38.87 -0.23 -8.79
N GLY A 70 38.10 0.33 -7.85
CA GLY A 70 37.59 -0.46 -6.74
C GLY A 70 36.32 -1.24 -7.00
N VAL A 71 35.73 -1.73 -5.91
CA VAL A 71 34.51 -2.53 -5.95
C VAL A 71 33.31 -1.77 -6.50
N GLY A 72 32.99 -0.64 -5.88
CA GLY A 72 31.84 0.15 -6.29
C GLY A 72 31.84 0.58 -7.73
N GLU A 73 33.03 0.91 -8.23
CA GLU A 73 33.17 1.34 -9.60
C GLU A 73 32.66 0.27 -10.55
N ARG A 74 33.02 -0.99 -10.31
CA ARG A 74 32.59 -2.08 -11.19
C ARG A 74 31.09 -2.38 -11.07
N LEU A 75 30.55 -2.29 -9.86
CA LEU A 75 29.13 -2.57 -9.66
C LEU A 75 28.31 -1.52 -10.39
N GLN A 76 28.77 -0.28 -10.34
CA GLN A 76 28.09 0.84 -11.00
C GLN A 76 28.05 0.59 -12.51
N LYS A 77 29.17 0.17 -13.09
CA LYS A 77 29.20 -0.09 -14.52
C LYS A 77 28.25 -1.23 -14.81
N GLY A 78 28.12 -2.14 -13.87
CA GLY A 78 27.22 -3.25 -14.03
C GLY A 78 25.81 -2.72 -14.16
N LEU A 79 25.45 -1.78 -13.31
CA LEU A 79 24.11 -1.20 -13.36
C LEU A 79 23.91 -0.41 -14.66
N GLU A 80 24.95 0.28 -15.09
CA GLU A 80 24.86 1.05 -16.31
C GLU A 80 24.63 0.13 -17.52
N ARG A 81 25.31 -1.02 -17.55
CA ARG A 81 25.10 -1.96 -18.65
C ARG A 81 23.66 -2.47 -18.56
N ARG A 82 23.19 -2.66 -17.34
CA ARG A 82 21.84 -3.16 -17.13
C ARG A 82 20.79 -2.17 -17.66
N ALA A 83 21.01 -0.88 -17.42
CA ALA A 83 20.07 0.13 -17.90
C ALA A 83 20.04 0.19 -19.43
N LYS A 84 21.15 -0.19 -20.05
CA LYS A 84 21.22 -0.18 -21.51
C LYS A 84 20.45 -1.33 -22.12
N LYS A 85 20.39 -2.46 -21.43
CA LYS A 85 19.69 -3.62 -21.98
C LYS A 85 18.23 -3.83 -21.58
N MET A 86 17.82 -3.29 -20.43
CA MET A 86 16.43 -3.45 -19.97
C MET A 86 15.61 -2.17 -20.11
N GLU A 87 14.29 -2.31 -20.17
CA GLU A 87 13.42 -1.15 -20.26
C GLU A 87 13.55 -0.33 -18.98
N ASN A 88 13.70 -1.03 -17.86
CA ASN A 88 13.87 -0.38 -16.55
C ASN A 88 14.80 -1.30 -15.77
N TRP A 89 15.98 -0.78 -15.39
CA TRP A 89 16.97 -1.60 -14.70
C TRP A 89 16.59 -2.11 -13.31
N LEU A 90 15.65 -1.43 -12.67
CA LEU A 90 15.22 -1.76 -11.32
C LEU A 90 13.96 -2.61 -11.17
N SER A 91 13.01 -2.47 -12.11
CA SER A 91 11.73 -3.19 -12.07
C SER A 91 11.67 -4.63 -11.55
N GLU A 92 12.27 -5.55 -12.28
CA GLU A 92 12.25 -6.95 -11.87
C GLU A 92 12.86 -7.14 -10.48
N TRP A 93 14.02 -6.55 -10.29
CA TRP A 93 14.72 -6.63 -9.00
C TRP A 93 13.85 -6.13 -7.85
N TRP A 94 13.20 -4.99 -8.05
CA TRP A 94 12.37 -4.41 -6.99
C TRP A 94 11.17 -5.32 -6.69
N LEU A 95 10.46 -5.74 -7.72
CA LEU A 95 9.31 -6.62 -7.54
C LEU A 95 9.71 -7.87 -6.78
N LYS A 96 10.83 -8.46 -7.16
CA LYS A 96 11.33 -9.68 -6.56
C LYS A 96 11.78 -9.55 -5.10
N THR A 97 12.62 -8.56 -4.82
CA THR A 97 13.16 -8.37 -3.48
C THR A 97 12.21 -7.76 -2.45
N ALA A 98 11.38 -6.83 -2.89
CA ALA A 98 10.45 -6.18 -1.98
C ALA A 98 9.23 -7.03 -1.69
N TYR A 99 8.75 -7.78 -2.67
CA TYR A 99 7.54 -8.55 -2.47
C TYR A 99 7.56 -10.07 -2.72
N LEU A 100 7.91 -10.46 -3.94
CA LEU A 100 7.91 -11.89 -4.26
C LEU A 100 8.77 -12.72 -3.33
N GLN A 101 9.87 -12.15 -2.83
CA GLN A 101 10.75 -12.87 -1.92
C GLN A 101 10.46 -12.61 -0.42
N PHE A 102 9.48 -11.74 -0.15
CA PHE A 102 9.10 -11.44 1.23
C PHE A 102 8.17 -12.59 1.64
N ARG A 103 8.57 -13.35 2.66
CA ARG A 103 7.76 -14.52 3.07
C ARG A 103 6.76 -14.36 4.20
N GLN A 104 6.66 -13.17 4.77
CA GLN A 104 5.68 -12.93 5.84
C GLN A 104 4.31 -12.96 5.16
N PRO A 105 3.23 -13.19 5.94
CA PRO A 105 1.89 -13.23 5.34
C PRO A 105 1.66 -11.89 4.65
N VAL A 106 0.89 -11.86 3.57
CA VAL A 106 0.63 -10.58 2.89
C VAL A 106 -0.34 -9.77 3.73
N VAL A 107 -1.13 -10.47 4.52
CA VAL A 107 -2.13 -9.81 5.39
C VAL A 107 -1.40 -9.03 6.47
N ILE A 108 -1.75 -7.75 6.60
CA ILE A 108 -1.17 -6.86 7.58
C ILE A 108 0.24 -6.39 7.25
N TYR A 109 1.12 -7.32 6.88
CA TYR A 109 2.50 -6.97 6.59
C TYR A 109 2.84 -6.49 5.19
N SER A 110 1.91 -6.66 4.25
CA SER A 110 2.18 -6.25 2.87
C SER A 110 1.03 -5.56 2.15
N SER A 111 -0.15 -6.19 2.17
CA SER A 111 -1.33 -5.65 1.50
C SER A 111 -1.98 -4.50 2.30
N PRO A 112 -2.02 -3.29 1.73
CA PRO A 112 -2.63 -2.19 2.45
C PRO A 112 -4.15 -2.27 2.46
N GLY A 113 -4.77 -1.81 3.55
CA GLY A 113 -6.22 -1.82 3.62
C GLY A 113 -6.67 -0.37 3.46
N VAL A 114 -7.89 -0.18 2.98
CA VAL A 114 -8.43 1.17 2.82
C VAL A 114 -9.85 1.23 3.34
N ILE A 115 -10.16 2.26 4.11
CA ILE A 115 -11.51 2.42 4.62
C ILE A 115 -12.13 3.55 3.81
N LEU A 116 -13.27 3.27 3.18
CA LEU A 116 -13.96 4.26 2.37
C LEU A 116 -15.11 4.89 3.15
N PRO A 117 -15.72 5.95 2.61
CA PRO A 117 -16.84 6.60 3.31
C PRO A 117 -17.97 5.60 3.57
N LYS A 118 -18.49 5.59 4.79
CA LYS A 118 -19.56 4.67 5.14
C LYS A 118 -20.83 5.00 4.36
N GLN A 119 -21.48 3.97 3.84
CA GLN A 119 -22.69 4.14 3.06
C GLN A 119 -23.94 4.16 3.95
N ASP A 120 -25.06 4.57 3.37
CA ASP A 120 -26.30 4.68 4.14
C ASP A 120 -27.25 3.49 4.15
N PHE A 121 -26.87 2.37 3.56
CA PHE A 121 -27.79 1.24 3.56
C PHE A 121 -28.01 0.67 4.96
N VAL A 122 -29.21 0.15 5.21
CA VAL A 122 -29.55 -0.39 6.51
C VAL A 122 -30.02 -1.84 6.51
N ASP A 123 -30.02 -2.47 5.33
CA ASP A 123 -30.42 -3.89 5.24
C ASP A 123 -29.68 -4.59 4.10
N LEU A 124 -29.87 -5.90 4.03
CA LEU A 124 -29.22 -6.72 3.01
C LEU A 124 -29.47 -6.22 1.60
N GLN A 125 -30.71 -5.84 1.31
CA GLN A 125 -31.06 -5.35 -0.01
C GLN A 125 -30.15 -4.17 -0.34
N GLY A 126 -30.06 -3.21 0.57
CA GLY A 126 -29.22 -2.04 0.38
C GLY A 126 -27.76 -2.42 0.21
N GLN A 127 -27.34 -3.43 0.95
CA GLN A 127 -25.96 -3.90 0.87
C GLN A 127 -25.68 -4.46 -0.52
N LEU A 128 -26.61 -5.26 -1.04
CA LEU A 128 -26.42 -5.82 -2.37
C LEU A 128 -26.48 -4.74 -3.43
N ARG A 129 -27.38 -3.77 -3.25
CA ARG A 129 -27.50 -2.67 -4.21
C ARG A 129 -26.21 -1.88 -4.30
N PHE A 130 -25.61 -1.55 -3.17
CA PHE A 130 -24.36 -0.80 -3.20
C PHE A 130 -23.28 -1.65 -3.88
N ALA A 131 -23.14 -2.89 -3.43
CA ALA A 131 -22.15 -3.79 -4.02
C ALA A 131 -22.34 -3.79 -5.54
N ALA A 132 -23.60 -3.83 -5.98
CA ALA A 132 -23.89 -3.84 -7.41
C ALA A 132 -23.40 -2.55 -8.07
N LYS A 133 -23.64 -1.42 -7.40
CA LYS A 133 -23.20 -0.13 -7.94
C LYS A 133 -21.69 -0.07 -8.02
N LEU A 134 -21.02 -0.50 -6.96
CA LEU A 134 -19.56 -0.49 -6.93
C LEU A 134 -19.02 -1.31 -8.09
N ILE A 135 -19.53 -2.53 -8.26
CA ILE A 135 -19.09 -3.40 -9.35
C ILE A 135 -19.21 -2.69 -10.69
N GLU A 136 -20.33 -2.03 -10.92
CA GLU A 136 -20.55 -1.31 -12.17
C GLU A 136 -19.53 -0.19 -12.30
N GLY A 137 -19.21 0.46 -11.19
CA GLY A 137 -18.24 1.55 -11.20
C GLY A 137 -16.85 1.06 -11.58
N VAL A 138 -16.44 -0.08 -11.02
CA VAL A 138 -15.13 -0.61 -11.34
C VAL A 138 -15.08 -0.98 -12.81
N LEU A 139 -16.15 -1.58 -13.31
CA LEU A 139 -16.20 -2.00 -14.71
C LEU A 139 -16.11 -0.80 -15.65
N ASP A 140 -16.68 0.32 -15.23
CA ASP A 140 -16.66 1.55 -16.01
C ASP A 140 -15.22 2.03 -16.12
N PHE A 141 -14.50 1.94 -15.00
CA PHE A 141 -13.10 2.33 -14.94
C PHE A 141 -12.30 1.40 -15.84
N LYS A 142 -12.66 0.11 -15.80
CA LYS A 142 -11.97 -0.88 -16.62
C LYS A 142 -12.08 -0.58 -18.12
N SER A 143 -13.27 -0.17 -18.58
CA SER A 143 -13.43 0.11 -20.01
C SER A 143 -12.38 1.10 -20.50
N MET A 144 -12.01 2.06 -19.66
CA MET A 144 -11.00 3.03 -20.06
C MET A 144 -9.63 2.38 -20.16
N ILE A 145 -9.38 1.39 -19.31
CA ILE A 145 -8.10 0.68 -19.33
C ILE A 145 -8.06 -0.28 -20.52
N ASP A 146 -9.17 -0.97 -20.76
CA ASP A 146 -9.23 -1.92 -21.88
C ASP A 146 -9.03 -1.19 -23.22
N ASN A 147 -9.74 -0.09 -23.40
CA ASN A 147 -9.67 0.68 -24.64
C ASN A 147 -8.53 1.71 -24.66
N GLU A 148 -7.75 1.75 -23.58
CA GLU A 148 -6.64 2.68 -23.48
C GLU A 148 -7.09 4.12 -23.70
N THR A 149 -8.30 4.42 -23.24
CA THR A 149 -8.85 5.76 -23.35
C THR A 149 -8.65 6.49 -22.03
N LEU A 150 -8.05 5.79 -21.06
CA LEU A 150 -7.76 6.40 -19.76
C LEU A 150 -6.90 7.64 -20.03
N PRO A 151 -7.31 8.81 -19.55
CA PRO A 151 -6.53 10.02 -19.78
C PRO A 151 -5.07 9.87 -19.33
N VAL A 152 -4.16 10.13 -20.27
CA VAL A 152 -2.73 10.07 -20.01
C VAL A 152 -2.44 11.11 -18.92
N GLU A 153 -1.46 10.85 -18.05
CA GLU A 153 -1.15 11.78 -16.97
C GLU A 153 0.19 12.47 -17.03
N PHE A 154 0.26 13.65 -16.40
CA PHE A 154 1.48 14.46 -16.37
C PHE A 154 1.71 15.03 -14.97
N LEU A 155 2.89 15.58 -14.78
CA LEU A 155 3.29 16.23 -13.54
C LEU A 155 4.28 17.33 -13.94
N GLY A 156 4.00 18.56 -13.53
CA GLY A 156 4.89 19.66 -13.86
C GLY A 156 5.21 19.74 -15.34
N GLY A 157 4.34 19.19 -16.18
CA GLY A 157 4.58 19.23 -17.61
C GLY A 157 5.32 18.01 -18.15
N GLN A 158 5.66 17.08 -17.28
CA GLN A 158 6.37 15.87 -17.69
C GLN A 158 5.42 14.67 -17.64
N PRO A 159 5.51 13.77 -18.63
CA PRO A 159 4.65 12.57 -18.70
C PRO A 159 4.90 11.59 -17.58
N LEU A 160 3.84 10.93 -17.14
CA LEU A 160 3.94 9.91 -16.10
C LEU A 160 3.58 8.57 -16.70
N CYS A 161 4.36 7.55 -16.35
CA CYS A 161 4.14 6.19 -16.84
C CYS A 161 2.75 5.73 -16.44
N MET A 162 2.06 5.08 -17.38
CA MET A 162 0.71 4.60 -17.12
C MET A 162 0.66 3.09 -16.88
N ASN A 163 1.82 2.43 -16.93
CA ASN A 163 1.87 0.98 -16.79
C ASN A 163 1.18 0.39 -15.56
N GLN A 164 1.26 1.08 -14.43
CA GLN A 164 0.67 0.58 -13.19
C GLN A 164 -0.83 0.27 -13.31
N TYR A 165 -1.53 1.03 -14.14
CA TYR A 165 -2.96 0.84 -14.34
C TYR A 165 -3.31 -0.49 -14.97
N TYR A 166 -2.38 -1.05 -15.75
CA TYR A 166 -2.62 -2.30 -16.45
C TYR A 166 -2.13 -3.54 -15.71
N GLN A 167 -2.02 -3.42 -14.38
CA GLN A 167 -1.56 -4.53 -13.58
C GLN A 167 -2.51 -4.86 -12.44
N ILE A 168 -3.49 -3.98 -12.19
CA ILE A 168 -4.36 -4.22 -11.06
C ILE A 168 -5.60 -5.10 -11.28
N LEU A 169 -6.14 -5.10 -12.50
CA LEU A 169 -7.33 -5.88 -12.80
C LEU A 169 -7.00 -7.25 -13.38
N SER A 170 -7.89 -8.22 -13.16
CA SER A 170 -7.71 -9.58 -13.66
C SER A 170 -6.31 -10.14 -13.35
N SER A 171 -5.85 -9.93 -12.13
CA SER A 171 -4.52 -10.42 -11.74
C SER A 171 -4.57 -11.09 -10.38
N CYS A 172 -3.49 -11.79 -10.04
CA CYS A 172 -3.44 -12.49 -8.76
C CYS A 172 -2.02 -12.93 -8.44
N ARG A 173 -1.73 -13.05 -7.16
CA ARG A 173 -0.42 -13.48 -6.71
C ARG A 173 -0.49 -14.99 -6.60
N VAL A 174 0.59 -15.67 -6.95
CA VAL A 174 0.59 -17.12 -6.89
C VAL A 174 1.71 -17.60 -5.98
N PRO A 175 1.37 -18.39 -4.96
CA PRO A 175 2.38 -18.91 -4.02
C PRO A 175 3.42 -19.80 -4.69
N GLY A 176 4.65 -19.69 -4.24
CA GLY A 176 5.73 -20.50 -4.76
C GLY A 176 6.53 -20.97 -3.57
N PRO A 177 7.17 -22.16 -3.66
CA PRO A 177 7.96 -22.69 -2.54
C PRO A 177 9.06 -21.77 -2.04
N LYS A 178 9.75 -21.10 -2.96
CA LYS A 178 10.84 -20.20 -2.60
C LYS A 178 10.44 -18.75 -2.71
N GLN A 179 9.82 -18.39 -3.84
CA GLN A 179 9.36 -17.03 -4.06
C GLN A 179 8.04 -17.10 -4.81
N ASP A 180 7.21 -16.08 -4.66
CA ASP A 180 5.92 -16.06 -5.32
C ASP A 180 6.03 -15.43 -6.72
N SER A 181 4.90 -15.35 -7.41
CA SER A 181 4.86 -14.75 -8.74
C SER A 181 3.51 -14.05 -8.88
N VAL A 182 3.32 -13.34 -9.98
CA VAL A 182 2.07 -12.65 -10.23
C VAL A 182 1.57 -12.99 -11.63
N VAL A 183 0.26 -13.20 -11.75
CA VAL A 183 -0.31 -13.50 -13.05
C VAL A 183 -1.25 -12.35 -13.38
N ASN A 184 -1.32 -12.00 -14.65
CA ASN A 184 -2.15 -10.89 -15.13
C ASN A 184 -2.76 -11.33 -16.44
N PHE A 185 -4.09 -11.44 -16.49
CA PHE A 185 -4.76 -11.90 -17.70
C PHE A 185 -5.50 -10.79 -18.46
N LEU A 186 -5.33 -9.54 -18.01
CA LEU A 186 -6.02 -8.41 -18.65
C LEU A 186 -5.92 -8.42 -20.17
N LYS A 187 -4.75 -8.76 -20.69
CA LYS A 187 -4.55 -8.77 -22.14
C LYS A 187 -4.12 -10.14 -22.70
N SER A 188 -4.69 -11.20 -22.15
CA SER A 188 -4.39 -12.54 -22.62
C SER A 188 -5.26 -12.85 -23.83
N LYS A 189 -5.05 -14.02 -24.43
CA LYS A 189 -5.84 -14.43 -25.60
C LYS A 189 -7.32 -14.19 -25.40
N ARG A 190 -7.87 -14.74 -24.31
CA ARG A 190 -9.29 -14.57 -23.99
C ARG A 190 -9.42 -13.97 -22.59
N PRO A 191 -9.33 -12.64 -22.50
CA PRO A 191 -9.43 -11.90 -21.24
C PRO A 191 -10.65 -12.28 -20.42
N PRO A 192 -10.48 -12.45 -19.10
CA PRO A 192 -11.57 -12.83 -18.20
C PRO A 192 -12.74 -11.84 -18.29
N THR A 193 -13.96 -12.36 -18.17
CA THR A 193 -15.16 -11.52 -18.24
C THR A 193 -15.99 -11.68 -16.97
N HIS A 194 -15.40 -12.32 -15.97
CA HIS A 194 -16.08 -12.57 -14.70
C HIS A 194 -15.32 -12.01 -13.51
N ILE A 195 -16.04 -11.77 -12.42
CA ILE A 195 -15.42 -11.35 -11.18
C ILE A 195 -15.75 -12.50 -10.26
N THR A 196 -15.24 -12.47 -9.03
CA THR A 196 -15.61 -13.49 -8.07
C THR A 196 -16.29 -12.76 -6.92
N VAL A 197 -17.32 -13.38 -6.37
CA VAL A 197 -18.06 -12.84 -5.26
C VAL A 197 -17.93 -13.87 -4.16
N VAL A 198 -17.69 -13.42 -2.93
CA VAL A 198 -17.57 -14.35 -1.82
C VAL A 198 -18.51 -13.92 -0.71
N HIS A 199 -19.38 -14.84 -0.30
CA HIS A 199 -20.34 -14.57 0.75
C HIS A 199 -20.37 -15.79 1.65
N ASN A 200 -20.27 -15.55 2.95
CA ASN A 200 -20.25 -16.62 3.95
C ASN A 200 -19.16 -17.65 3.68
N TYR A 201 -18.00 -17.16 3.22
CA TYR A 201 -16.81 -17.96 2.92
C TYR A 201 -16.91 -18.77 1.64
N GLN A 202 -18.00 -18.58 0.90
CA GLN A 202 -18.23 -19.31 -0.34
C GLN A 202 -18.05 -18.43 -1.57
N PHE A 203 -17.22 -18.91 -2.50
CA PHE A 203 -16.90 -18.17 -3.72
C PHE A 203 -17.79 -18.50 -4.90
N PHE A 204 -18.11 -17.48 -5.68
CA PHE A 204 -18.94 -17.63 -6.88
C PHE A 204 -18.29 -16.90 -8.05
N GLU A 205 -18.42 -17.50 -9.23
CA GLU A 205 -17.90 -16.95 -10.48
C GLU A 205 -19.09 -16.22 -11.13
N LEU A 206 -18.97 -14.91 -11.27
CA LEU A 206 -20.06 -14.10 -11.84
C LEU A 206 -19.68 -13.37 -13.12
N ASP A 207 -20.34 -13.70 -14.22
CA ASP A 207 -20.05 -13.02 -15.48
C ASP A 207 -20.65 -11.63 -15.38
N VAL A 208 -19.89 -10.62 -15.77
CA VAL A 208 -20.37 -9.24 -15.71
C VAL A 208 -20.44 -8.57 -17.08
N TYR A 209 -20.37 -9.39 -18.13
CA TYR A 209 -20.46 -8.90 -19.51
C TYR A 209 -21.41 -9.81 -20.26
N HIS A 210 -22.27 -9.23 -21.08
CA HIS A 210 -23.21 -10.00 -21.88
C HIS A 210 -22.44 -10.55 -23.09
N SER A 211 -23.06 -11.47 -23.81
CA SER A 211 -22.44 -12.07 -24.99
C SER A 211 -21.95 -11.07 -26.02
N ASP A 212 -22.62 -9.93 -26.11
CA ASP A 212 -22.25 -8.91 -27.07
C ASP A 212 -21.19 -7.95 -26.55
N GLY A 213 -20.50 -8.33 -25.49
CA GLY A 213 -19.47 -7.48 -24.94
C GLY A 213 -19.90 -6.41 -23.96
N THR A 214 -21.15 -5.98 -24.03
CA THR A 214 -21.64 -4.95 -23.11
C THR A 214 -21.66 -5.48 -21.69
N PRO A 215 -21.34 -4.62 -20.72
CA PRO A 215 -21.33 -4.98 -19.30
C PRO A 215 -22.73 -5.02 -18.71
N LEU A 216 -22.91 -5.81 -17.66
CA LEU A 216 -24.21 -5.87 -17.03
C LEU A 216 -24.47 -4.57 -16.29
N THR A 217 -25.74 -4.23 -16.14
CA THR A 217 -26.14 -3.02 -15.43
C THR A 217 -26.18 -3.32 -13.94
N SER A 218 -26.16 -2.29 -13.11
CA SER A 218 -26.22 -2.49 -11.66
C SER A 218 -27.47 -3.30 -11.35
N ASP A 219 -28.53 -3.03 -12.09
CA ASP A 219 -29.79 -3.73 -11.92
C ASP A 219 -29.60 -5.22 -12.13
N GLN A 220 -28.97 -5.58 -13.24
CA GLN A 220 -28.72 -6.97 -13.58
C GLN A 220 -27.75 -7.60 -12.58
N ILE A 221 -26.74 -6.83 -12.14
CA ILE A 221 -25.77 -7.33 -11.18
C ILE A 221 -26.44 -7.66 -9.85
N PHE A 222 -27.31 -6.77 -9.38
CA PHE A 222 -28.04 -6.99 -8.13
C PHE A 222 -28.78 -8.32 -8.19
N VAL A 223 -29.46 -8.57 -9.30
CA VAL A 223 -30.21 -9.80 -9.49
C VAL A 223 -29.28 -11.01 -9.32
N GLN A 224 -28.09 -10.91 -9.89
CA GLN A 224 -27.13 -12.01 -9.80
C GLN A 224 -26.58 -12.15 -8.38
N LEU A 225 -26.40 -11.02 -7.70
CA LEU A 225 -25.89 -11.05 -6.33
C LEU A 225 -26.93 -11.67 -5.41
N GLU A 226 -28.19 -11.44 -5.74
CA GLU A 226 -29.30 -11.96 -4.96
C GLU A 226 -29.27 -13.49 -5.06
N LYS A 227 -29.00 -14.01 -6.25
CA LYS A 227 -28.93 -15.45 -6.47
C LYS A 227 -27.77 -16.04 -5.68
N ILE A 228 -26.64 -15.33 -5.67
CA ILE A 228 -25.45 -15.78 -4.95
C ILE A 228 -25.75 -15.81 -3.45
N TRP A 229 -26.32 -14.73 -2.93
CA TRP A 229 -26.64 -14.66 -1.51
C TRP A 229 -27.50 -15.87 -1.11
N ASN A 230 -28.57 -16.10 -1.88
CA ASN A 230 -29.48 -17.20 -1.62
C ASN A 230 -28.79 -18.57 -1.72
N SER A 231 -27.79 -18.68 -2.59
CA SER A 231 -27.08 -19.95 -2.75
C SER A 231 -26.07 -20.20 -1.63
N SER A 232 -25.91 -19.24 -0.73
CA SER A 232 -24.98 -19.40 0.39
C SER A 232 -25.58 -18.67 1.60
N LEU A 233 -26.73 -19.15 2.06
CA LEU A 233 -27.42 -18.53 3.19
C LEU A 233 -26.74 -18.69 4.54
N GLN A 234 -26.06 -19.81 4.75
CA GLN A 234 -25.38 -20.03 6.02
C GLN A 234 -23.88 -20.08 5.85
N SER A 235 -23.18 -19.82 6.95
CA SER A 235 -21.72 -19.84 6.96
C SER A 235 -21.31 -21.27 7.29
N ASN A 236 -21.90 -22.22 6.58
CA ASN A 236 -21.65 -23.65 6.81
C ASN A 236 -20.76 -24.36 5.79
N LYS A 237 -19.59 -23.79 5.54
CA LYS A 237 -18.59 -24.35 4.63
C LYS A 237 -17.24 -23.92 5.21
N GLU A 238 -16.20 -24.73 5.04
CA GLU A 238 -14.88 -24.37 5.57
C GLU A 238 -14.38 -23.11 4.88
N PRO A 239 -13.76 -22.18 5.64
CA PRO A 239 -13.24 -20.93 5.08
C PRO A 239 -11.87 -21.13 4.42
N VAL A 240 -11.89 -21.86 3.30
CA VAL A 240 -10.68 -22.15 2.55
C VAL A 240 -9.88 -20.87 2.31
N GLY A 241 -10.59 -19.78 2.03
CA GLY A 241 -9.93 -18.51 1.77
C GLY A 241 -8.96 -18.03 2.84
N ILE A 242 -9.25 -18.37 4.10
CA ILE A 242 -8.39 -17.94 5.19
C ILE A 242 -6.96 -18.49 5.04
N LEU A 243 -6.79 -19.52 4.21
CA LEU A 243 -5.49 -20.12 3.97
C LEU A 243 -4.50 -19.09 3.40
N THR A 244 -5.03 -18.15 2.61
CA THR A 244 -4.21 -17.11 1.99
C THR A 244 -3.63 -16.09 2.96
N SER A 245 -3.98 -16.18 4.25
CA SER A 245 -3.48 -15.22 5.23
C SER A 245 -2.28 -15.73 6.01
N ASN A 246 -1.86 -16.96 5.73
CA ASN A 246 -0.74 -17.53 6.46
C ASN A 246 0.62 -17.13 5.87
N HIS A 247 1.68 -17.48 6.58
CA HIS A 247 3.05 -17.22 6.16
C HIS A 247 3.21 -17.75 4.73
N ARG A 248 4.00 -17.07 3.91
CA ARG A 248 4.12 -17.51 2.52
C ARG A 248 4.74 -18.90 2.30
N ASN A 249 5.61 -19.35 3.20
CA ASN A 249 6.19 -20.67 3.03
C ASN A 249 5.13 -21.72 3.37
N THR A 250 4.32 -21.41 4.37
CA THR A 250 3.28 -22.33 4.80
C THR A 250 2.18 -22.43 3.75
N TRP A 251 1.74 -21.28 3.25
CA TRP A 251 0.68 -21.23 2.24
C TRP A 251 1.12 -21.87 0.93
N ALA A 252 2.39 -21.74 0.58
CA ALA A 252 2.87 -22.35 -0.66
C ALA A 252 2.60 -23.85 -0.64
N LYS A 253 2.90 -24.49 0.48
CA LYS A 253 2.68 -25.93 0.61
C LYS A 253 1.20 -26.28 0.68
N ALA A 254 0.44 -25.55 1.49
CA ALA A 254 -0.99 -25.81 1.63
C ALA A 254 -1.68 -25.59 0.29
N TYR A 255 -1.17 -24.62 -0.46
CA TYR A 255 -1.72 -24.29 -1.78
C TYR A 255 -1.45 -25.43 -2.77
N ASN A 256 -0.24 -25.95 -2.74
CA ASN A 256 0.10 -27.04 -3.64
C ASN A 256 -0.82 -28.22 -3.38
N ASN A 257 -1.01 -28.53 -2.11
CA ASN A 257 -1.87 -29.65 -1.75
C ASN A 257 -3.31 -29.36 -2.14
N LEU A 258 -3.76 -28.15 -1.88
CA LEU A 258 -5.13 -27.75 -2.18
C LEU A 258 -5.50 -28.00 -3.64
N ILE A 259 -4.64 -27.60 -4.57
CA ILE A 259 -4.94 -27.76 -5.98
C ILE A 259 -4.67 -29.12 -6.61
N LYS A 260 -4.42 -30.14 -5.79
CA LYS A 260 -4.19 -31.48 -6.32
C LYS A 260 -5.54 -32.00 -6.81
N ASP A 261 -6.61 -31.50 -6.20
CA ASP A 261 -7.96 -31.89 -6.59
C ASP A 261 -8.40 -31.05 -7.79
N LYS A 262 -9.00 -31.71 -8.76
CA LYS A 262 -9.45 -31.06 -9.99
C LYS A 262 -10.46 -29.92 -9.78
N VAL A 263 -11.47 -30.13 -8.95
CA VAL A 263 -12.45 -29.08 -8.71
C VAL A 263 -11.81 -27.92 -7.97
N ASN A 264 -10.97 -28.22 -6.98
CA ASN A 264 -10.32 -27.17 -6.21
C ASN A 264 -9.45 -26.33 -7.15
N ARG A 265 -8.69 -27.02 -7.99
CA ARG A 265 -7.81 -26.34 -8.93
C ARG A 265 -8.64 -25.43 -9.84
N GLU A 266 -9.77 -25.93 -10.32
CA GLU A 266 -10.64 -25.13 -11.18
C GLU A 266 -11.20 -23.91 -10.44
N SER A 267 -11.59 -24.09 -9.19
CA SER A 267 -12.10 -22.97 -8.40
C SER A 267 -11.00 -21.92 -8.20
N VAL A 268 -9.80 -22.38 -7.82
CA VAL A 268 -8.68 -21.47 -7.62
C VAL A 268 -8.40 -20.71 -8.91
N ASN A 269 -8.36 -21.43 -10.03
CA ASN A 269 -8.11 -20.81 -11.31
C ASN A 269 -9.12 -19.70 -11.62
N SER A 270 -10.40 -19.96 -11.38
CA SER A 270 -11.43 -18.94 -11.61
C SER A 270 -11.18 -17.72 -10.72
N ILE A 271 -10.80 -17.96 -9.48
CA ILE A 271 -10.53 -16.84 -8.59
C ILE A 271 -9.31 -16.04 -9.09
N GLN A 272 -8.25 -16.73 -9.48
CA GLN A 272 -7.04 -16.07 -9.94
C GLN A 272 -7.27 -15.23 -11.20
N LYS A 273 -8.11 -15.72 -12.10
CA LYS A 273 -8.40 -15.00 -13.33
C LYS A 273 -9.48 -13.93 -13.21
N SER A 274 -10.26 -13.95 -12.14
CA SER A 274 -11.33 -12.97 -12.00
C SER A 274 -10.83 -11.52 -12.06
N ILE A 275 -11.62 -10.64 -12.68
CA ILE A 275 -11.26 -9.24 -12.83
C ILE A 275 -10.93 -8.64 -11.46
N PHE A 276 -11.73 -9.00 -10.47
CA PHE A 276 -11.54 -8.59 -9.08
C PHE A 276 -12.52 -9.37 -8.21
N THR A 277 -12.34 -9.27 -6.90
CA THR A 277 -13.21 -9.98 -5.97
C THR A 277 -14.00 -9.01 -5.10
N VAL A 278 -15.26 -9.36 -4.82
CA VAL A 278 -16.09 -8.52 -3.98
C VAL A 278 -16.49 -9.37 -2.80
N CYS A 279 -16.27 -8.83 -1.60
CA CYS A 279 -16.58 -9.53 -0.36
C CYS A 279 -17.84 -8.99 0.30
N LEU A 280 -18.86 -9.84 0.39
CA LEU A 280 -20.10 -9.45 1.04
C LEU A 280 -19.97 -9.92 2.46
N ASP A 281 -19.51 -9.04 3.34
CA ASP A 281 -19.30 -9.41 4.74
C ASP A 281 -20.53 -9.60 5.61
N LYS A 282 -20.39 -10.43 6.64
CA LYS A 282 -21.46 -10.76 7.56
C LYS A 282 -21.52 -9.80 8.74
N GLN A 283 -22.69 -9.76 9.39
CA GLN A 283 -22.88 -8.91 10.54
C GLN A 283 -21.86 -9.27 11.62
N VAL A 284 -21.30 -8.24 12.26
CA VAL A 284 -20.33 -8.44 13.32
C VAL A 284 -20.88 -7.81 14.60
N PRO A 285 -20.40 -8.25 15.77
CA PRO A 285 -20.87 -7.70 17.04
C PRO A 285 -20.69 -6.19 17.15
N ARG A 286 -21.50 -5.58 18.00
CA ARG A 286 -21.42 -4.14 18.21
C ARG A 286 -20.23 -3.84 19.09
N VAL A 287 -19.63 -2.66 18.90
CA VAL A 287 -18.49 -2.24 19.69
C VAL A 287 -18.70 -0.78 20.08
N SER A 288 -18.09 -0.36 21.18
CA SER A 288 -18.24 1.03 21.64
C SER A 288 -17.89 1.99 20.52
N ASP A 289 -18.59 3.11 20.46
CA ASP A 289 -18.37 4.09 19.42
C ASP A 289 -16.93 4.59 19.31
N ASP A 290 -16.28 4.81 20.44
CA ASP A 290 -14.90 5.31 20.44
C ASP A 290 -13.87 4.37 19.80
N VAL A 291 -14.27 3.13 19.49
CA VAL A 291 -13.35 2.19 18.86
C VAL A 291 -13.92 1.60 17.59
N TYR A 292 -15.05 2.13 17.14
CA TYR A 292 -15.72 1.65 15.94
C TYR A 292 -14.83 1.73 14.71
N ARG A 293 -14.31 2.91 14.43
CA ARG A 293 -13.44 3.09 13.28
C ARG A 293 -12.23 2.15 13.35
N ASN A 294 -11.67 1.95 14.55
CA ASN A 294 -10.52 1.05 14.67
C ASN A 294 -10.92 -0.36 14.25
N HIS A 295 -12.10 -0.80 14.66
CA HIS A 295 -12.55 -2.13 14.30
C HIS A 295 -12.87 -2.24 12.81
N VAL A 296 -13.44 -1.21 12.22
CA VAL A 296 -13.74 -1.26 10.79
C VAL A 296 -12.43 -1.32 10.01
N ALA A 297 -11.43 -0.56 10.44
CA ALA A 297 -10.13 -0.60 9.76
C ALA A 297 -9.64 -2.04 9.79
N GLY A 298 -9.75 -2.67 10.96
CA GLY A 298 -9.35 -4.06 11.10
C GLY A 298 -10.04 -4.98 10.12
N GLN A 299 -11.34 -4.77 9.96
CA GLN A 299 -12.13 -5.58 9.05
C GLN A 299 -11.59 -5.48 7.63
N MET A 300 -11.22 -4.27 7.22
CA MET A 300 -10.71 -4.06 5.87
C MET A 300 -9.28 -4.58 5.66
N LEU A 301 -8.46 -4.46 6.69
CA LEU A 301 -7.08 -4.89 6.61
C LEU A 301 -6.93 -6.40 6.68
N HIS A 302 -7.57 -7.02 7.67
CA HIS A 302 -7.44 -8.45 7.88
C HIS A 302 -8.74 -9.25 8.01
N GLY A 303 -9.88 -8.58 8.09
CA GLY A 303 -11.13 -9.30 8.21
C GLY A 303 -11.65 -9.46 9.62
N GLY A 304 -10.81 -9.17 10.61
CA GLY A 304 -11.24 -9.27 11.99
C GLY A 304 -11.08 -10.60 12.71
N GLY A 305 -10.79 -11.67 11.98
CA GLY A 305 -10.62 -12.96 12.63
C GLY A 305 -11.41 -14.10 11.99
N SER A 306 -11.07 -15.32 12.37
CA SER A 306 -11.74 -16.51 11.82
C SER A 306 -13.22 -16.62 12.15
N LYS A 307 -13.67 -15.98 13.22
CA LYS A 307 -15.09 -16.04 13.57
C LYS A 307 -15.85 -14.90 12.93
N PHE A 308 -15.12 -14.00 12.27
CA PHE A 308 -15.74 -12.85 11.64
C PHE A 308 -15.74 -12.86 10.12
N ASN A 309 -14.88 -12.07 9.49
CA ASN A 309 -14.87 -12.02 8.02
C ASN A 309 -13.56 -12.35 7.32
N SER A 310 -12.55 -12.78 8.08
CA SER A 310 -11.27 -13.12 7.48
C SER A 310 -11.37 -14.29 6.49
N GLY A 311 -12.34 -15.17 6.73
CA GLY A 311 -12.53 -16.30 5.84
C GLY A 311 -13.25 -15.92 4.55
N ASN A 312 -13.77 -14.71 4.53
CA ASN A 312 -14.50 -14.16 3.40
C ASN A 312 -13.54 -13.36 2.54
N ARG A 313 -12.37 -13.95 2.30
CA ARG A 313 -11.31 -13.28 1.54
C ARG A 313 -10.42 -14.25 0.76
N TRP A 314 -9.65 -13.70 -0.16
CA TRP A 314 -8.65 -14.45 -0.93
C TRP A 314 -7.56 -13.42 -1.10
N PHE A 315 -6.71 -13.30 -0.08
CA PHE A 315 -5.65 -12.30 -0.06
C PHE A 315 -4.59 -12.34 -1.14
N ASP A 316 -4.58 -13.37 -1.96
CA ASP A 316 -3.64 -13.41 -3.07
C ASP A 316 -4.19 -12.52 -4.18
N LYS A 317 -5.50 -12.29 -4.16
CA LYS A 317 -6.13 -11.48 -5.18
C LYS A 317 -5.68 -10.02 -5.09
N THR A 318 -5.32 -9.45 -6.23
CA THR A 318 -4.83 -8.07 -6.30
C THR A 318 -5.83 -7.05 -5.77
N LEU A 319 -7.06 -7.14 -6.23
CA LEU A 319 -8.11 -6.21 -5.78
C LEU A 319 -9.28 -6.90 -5.10
N GLN A 320 -9.54 -6.52 -3.86
CA GLN A 320 -10.66 -7.06 -3.09
C GLN A 320 -11.47 -5.91 -2.55
N PHE A 321 -12.72 -5.78 -2.99
CA PHE A 321 -13.57 -4.70 -2.51
C PHE A 321 -14.48 -5.33 -1.46
N ILE A 322 -14.56 -4.67 -0.31
CA ILE A 322 -15.33 -5.15 0.83
C ILE A 322 -16.56 -4.32 1.14
N VAL A 323 -17.73 -4.95 1.18
CA VAL A 323 -18.95 -4.23 1.51
C VAL A 323 -19.45 -4.83 2.81
N ALA A 324 -19.39 -4.05 3.88
CA ALA A 324 -19.81 -4.54 5.19
C ALA A 324 -21.32 -4.56 5.38
N GLU A 325 -21.76 -5.33 6.36
CA GLU A 325 -23.18 -5.44 6.65
C GLU A 325 -23.78 -4.15 7.21
N ASP A 326 -23.00 -3.41 7.98
CA ASP A 326 -23.51 -2.19 8.62
C ASP A 326 -23.36 -0.88 7.85
N GLY A 327 -23.02 -0.98 6.56
CA GLY A 327 -22.88 0.23 5.77
C GLY A 327 -21.45 0.58 5.43
N SER A 328 -20.52 0.08 6.24
CA SER A 328 -19.11 0.37 6.01
C SER A 328 -18.63 -0.34 4.75
N CYS A 329 -17.56 0.17 4.15
CA CYS A 329 -17.01 -0.46 2.97
C CYS A 329 -15.55 -0.04 2.82
N GLY A 330 -14.82 -0.78 2.01
CA GLY A 330 -13.42 -0.46 1.81
C GLY A 330 -12.81 -1.49 0.89
N MET A 331 -11.49 -1.66 0.96
CA MET A 331 -10.82 -2.61 0.11
C MET A 331 -9.45 -2.95 0.66
N VAL A 332 -8.84 -3.97 0.06
CA VAL A 332 -7.51 -4.39 0.42
C VAL A 332 -6.87 -4.81 -0.90
N TYR A 333 -5.66 -4.31 -1.15
CA TYR A 333 -5.00 -4.67 -2.40
C TYR A 333 -3.65 -5.30 -2.15
N GLU A 334 -3.30 -6.26 -3.00
CA GLU A 334 -2.05 -7.00 -2.88
C GLU A 334 -0.96 -6.17 -3.53
N HIS A 335 0.05 -5.81 -2.72
CA HIS A 335 1.14 -4.95 -3.15
C HIS A 335 2.12 -5.41 -4.22
N ALA A 336 2.27 -6.71 -4.41
CA ALA A 336 3.19 -7.18 -5.43
C ALA A 336 2.72 -6.66 -6.79
N ALA A 337 1.42 -6.79 -7.04
CA ALA A 337 0.88 -6.36 -8.33
C ALA A 337 0.34 -4.95 -8.39
N ALA A 338 -0.03 -4.37 -7.25
CA ALA A 338 -0.60 -3.03 -7.26
C ALA A 338 0.15 -1.95 -6.51
N GLU A 339 0.35 -0.82 -7.18
CA GLU A 339 1.01 0.34 -6.60
C GLU A 339 -0.10 1.29 -6.14
N GLY A 340 0.26 2.29 -5.33
CA GLY A 340 -0.72 3.23 -4.83
C GLY A 340 -1.50 4.10 -5.80
N PRO A 341 -0.84 4.75 -6.77
CA PRO A 341 -1.48 5.62 -7.76
C PRO A 341 -2.75 5.10 -8.46
N PRO A 342 -2.67 3.89 -9.05
CA PRO A 342 -3.83 3.31 -9.74
C PRO A 342 -4.99 3.06 -8.78
N ILE A 343 -4.66 2.67 -7.55
CA ILE A 343 -5.68 2.40 -6.56
C ILE A 343 -6.44 3.70 -6.25
N VAL A 344 -5.70 4.78 -6.01
CA VAL A 344 -6.31 6.08 -5.73
C VAL A 344 -7.24 6.48 -6.86
N ALA A 345 -6.74 6.38 -8.09
CA ALA A 345 -7.54 6.73 -9.27
C ALA A 345 -8.82 5.88 -9.35
N LEU A 346 -8.67 4.58 -9.12
CA LEU A 346 -9.82 3.70 -9.18
C LEU A 346 -10.84 4.06 -8.09
N VAL A 347 -10.35 4.28 -6.88
CA VAL A 347 -11.23 4.63 -5.76
C VAL A 347 -11.99 5.91 -6.03
N ASP A 348 -11.28 6.98 -6.40
CA ASP A 348 -11.92 8.25 -6.68
C ASP A 348 -12.96 8.10 -7.80
N HIS A 349 -12.62 7.33 -8.83
CA HIS A 349 -13.53 7.12 -9.95
C HIS A 349 -14.78 6.34 -9.56
N VAL A 350 -14.59 5.25 -8.83
CA VAL A 350 -15.69 4.41 -8.40
C VAL A 350 -16.62 5.13 -7.43
N MET A 351 -16.06 5.77 -6.42
CA MET A 351 -16.89 6.46 -5.45
C MET A 351 -17.72 7.55 -6.11
N GLU A 352 -17.20 8.18 -7.16
CA GLU A 352 -17.98 9.20 -7.83
C GLU A 352 -19.08 8.52 -8.64
N TYR A 353 -18.70 7.47 -9.36
CA TYR A 353 -19.66 6.73 -10.18
C TYR A 353 -20.87 6.30 -9.34
N THR A 354 -20.62 5.92 -8.09
CA THR A 354 -21.71 5.49 -7.22
C THR A 354 -22.64 6.65 -6.84
N LYS A 355 -22.28 7.86 -7.24
CA LYS A 355 -23.09 9.04 -6.95
C LYS A 355 -23.84 9.54 -8.19
N LYS A 356 -23.35 9.16 -9.37
CA LYS A 356 -24.00 9.57 -10.61
C LYS A 356 -25.44 9.07 -10.66
N PRO A 357 -26.35 9.84 -11.28
CA PRO A 357 -27.76 9.48 -11.41
C PRO A 357 -28.00 8.22 -12.24
N GLU A 358 -28.58 7.19 -11.62
CA GLU A 358 -28.87 5.96 -12.35
C GLU A 358 -29.93 6.24 -13.40
N LEU A 359 -29.73 5.69 -14.60
CA LEU A 359 -30.67 5.90 -15.71
C LEU A 359 -31.95 5.09 -15.49
N VAL A 360 -32.98 5.41 -16.28
CA VAL A 360 -34.25 4.70 -16.18
C VAL A 360 -34.02 3.21 -16.41
N ARG A 361 -34.65 2.39 -15.59
CA ARG A 361 -34.50 0.94 -15.69
C ARG A 361 -35.07 0.34 -16.96
N SER A 362 -34.17 -0.14 -17.83
CA SER A 362 -34.55 -0.77 -19.08
C SER A 362 -34.98 -2.20 -18.75
N PRO A 363 -36.00 -2.73 -19.44
CA PRO A 363 -36.46 -4.09 -19.18
C PRO A 363 -35.29 -5.05 -18.99
N MET A 364 -35.49 -6.10 -18.21
CA MET A 364 -34.40 -7.05 -17.97
C MET A 364 -34.57 -8.37 -18.70
N VAL A 365 -33.45 -8.86 -19.20
CA VAL A 365 -33.40 -10.12 -19.92
C VAL A 365 -33.02 -11.25 -18.98
N PRO A 366 -33.15 -12.50 -19.44
CA PRO A 366 -32.80 -13.62 -18.57
C PRO A 366 -31.30 -13.58 -18.22
N LEU A 367 -30.95 -14.15 -17.07
CA LEU A 367 -29.56 -14.20 -16.64
C LEU A 367 -29.26 -15.59 -16.09
N PRO A 368 -28.05 -16.11 -16.36
CA PRO A 368 -27.70 -17.45 -15.87
C PRO A 368 -27.45 -17.46 -14.38
N MET A 369 -27.37 -18.65 -13.81
CA MET A 369 -27.12 -18.80 -12.38
C MET A 369 -25.61 -18.68 -12.18
N PRO A 370 -25.17 -17.79 -11.29
CA PRO A 370 -23.72 -17.67 -11.09
C PRO A 370 -23.16 -19.00 -10.56
N LYS A 371 -22.04 -19.44 -11.12
CA LYS A 371 -21.41 -20.70 -10.74
C LYS A 371 -20.72 -20.71 -9.38
N LYS A 372 -21.11 -21.66 -8.54
CA LYS A 372 -20.47 -21.76 -7.22
C LYS A 372 -19.12 -22.45 -7.41
N LEU A 373 -18.08 -21.86 -6.86
CA LEU A 373 -16.74 -22.43 -6.95
C LEU A 373 -16.50 -23.26 -5.69
N ARG A 374 -16.83 -24.55 -5.77
CA ARG A 374 -16.69 -25.47 -4.65
C ARG A 374 -15.27 -25.87 -4.31
N PHE A 375 -15.09 -26.33 -3.07
CA PHE A 375 -13.79 -26.82 -2.60
C PHE A 375 -14.03 -28.14 -1.89
N ASN A 376 -13.32 -29.17 -2.34
CA ASN A 376 -13.44 -30.50 -1.74
C ASN A 376 -12.50 -30.54 -0.55
N ILE A 377 -13.08 -30.62 0.64
CA ILE A 377 -12.29 -30.65 1.87
C ILE A 377 -11.78 -32.04 2.21
N THR A 378 -10.54 -32.09 2.70
CA THR A 378 -9.90 -33.34 3.10
C THR A 378 -9.32 -33.10 4.48
N PRO A 379 -8.89 -34.15 5.18
CA PRO A 379 -8.32 -33.93 6.52
C PRO A 379 -7.09 -33.03 6.45
N GLU A 380 -6.33 -33.13 5.37
CA GLU A 380 -5.13 -32.31 5.22
C GLU A 380 -5.50 -30.84 5.05
N ILE A 381 -6.46 -30.58 4.16
CA ILE A 381 -6.90 -29.20 3.93
C ILE A 381 -7.52 -28.61 5.18
N LYS A 382 -8.34 -29.41 5.87
CA LYS A 382 -8.98 -28.98 7.11
C LYS A 382 -7.92 -28.60 8.14
N ASN A 383 -6.89 -29.45 8.27
CA ASN A 383 -5.83 -29.18 9.22
C ASN A 383 -5.12 -27.88 8.83
N ASP A 384 -4.89 -27.68 7.54
CA ASP A 384 -4.24 -26.46 7.08
C ASP A 384 -5.08 -25.24 7.42
N ILE A 385 -6.41 -25.39 7.32
CA ILE A 385 -7.30 -24.29 7.64
C ILE A 385 -7.19 -23.95 9.13
N GLU A 386 -7.20 -24.98 9.98
CA GLU A 386 -7.08 -24.75 11.41
C GLU A 386 -5.77 -24.05 11.78
N LYS A 387 -4.68 -24.41 11.09
CA LYS A 387 -3.39 -23.79 11.36
C LYS A 387 -3.44 -22.33 10.95
N ALA A 388 -4.13 -22.05 9.85
CA ALA A 388 -4.25 -20.69 9.34
C ALA A 388 -5.06 -19.83 10.31
N LYS A 389 -6.10 -20.39 10.90
CA LYS A 389 -6.93 -19.64 11.85
C LYS A 389 -6.07 -19.25 13.05
N GLN A 390 -5.27 -20.19 13.52
CA GLN A 390 -4.40 -19.97 14.67
C GLN A 390 -3.36 -18.90 14.37
N ASN A 391 -2.76 -18.96 13.19
CA ASN A 391 -1.76 -17.99 12.83
C ASN A 391 -2.39 -16.59 12.73
N LEU A 392 -3.51 -16.48 12.04
CA LEU A 392 -4.17 -15.18 11.88
C LEU A 392 -4.63 -14.60 13.21
N SER A 393 -5.07 -15.45 14.12
CA SER A 393 -5.51 -14.97 15.43
C SER A 393 -4.35 -14.31 16.16
N ILE A 394 -3.17 -14.91 16.05
CA ILE A 394 -1.97 -14.37 16.67
C ILE A 394 -1.63 -13.02 16.04
N MET A 395 -1.64 -12.98 14.71
CA MET A 395 -1.34 -11.75 14.00
C MET A 395 -2.25 -10.61 14.40
N ILE A 396 -3.55 -10.89 14.43
CA ILE A 396 -4.50 -9.86 14.79
C ILE A 396 -4.34 -9.42 16.23
N GLN A 397 -4.16 -10.38 17.12
CA GLN A 397 -4.01 -10.04 18.53
C GLN A 397 -2.82 -9.12 18.77
N ASP A 398 -1.82 -9.20 17.92
CA ASP A 398 -0.63 -8.39 18.09
C ASP A 398 -0.71 -7.02 17.41
N LEU A 399 -1.73 -6.79 16.59
CA LEU A 399 -1.87 -5.51 15.89
C LEU A 399 -2.62 -4.45 16.70
N ASP A 400 -1.95 -3.32 16.93
CA ASP A 400 -2.50 -2.20 17.69
C ASP A 400 -2.76 -1.05 16.72
N ILE A 401 -4.04 -0.81 16.40
CA ILE A 401 -4.42 0.24 15.46
C ILE A 401 -5.17 1.41 16.10
N MET A 402 -4.77 2.63 15.75
CA MET A 402 -5.47 3.82 16.23
C MET A 402 -5.78 4.71 15.03
N MET A 403 -7.06 4.93 14.79
CA MET A 403 -7.49 5.78 13.68
C MET A 403 -7.70 7.17 14.24
N LEU A 404 -7.15 8.15 13.53
CA LEU A 404 -7.24 9.54 13.95
C LEU A 404 -7.77 10.46 12.87
N THR A 405 -8.84 11.17 13.21
CA THR A 405 -9.42 12.14 12.30
C THR A 405 -8.97 13.49 12.84
N PHE A 406 -7.94 14.06 12.21
CA PHE A 406 -7.39 15.36 12.62
C PHE A 406 -8.32 16.39 12.00
N HIS A 407 -9.17 17.00 12.82
CA HIS A 407 -10.15 17.97 12.34
C HIS A 407 -9.72 19.42 12.37
N HIS A 408 -8.65 19.72 13.10
CA HIS A 408 -8.14 21.08 13.25
C HIS A 408 -7.85 21.79 11.93
N PHE A 409 -7.24 21.09 10.99
CA PHE A 409 -6.93 21.68 9.68
C PHE A 409 -6.43 20.61 8.71
N GLY A 410 -6.38 20.95 7.43
CA GLY A 410 -5.91 20.01 6.42
C GLY A 410 -4.82 20.65 5.59
N LYS A 411 -4.93 20.52 4.27
CA LYS A 411 -3.94 21.11 3.38
C LYS A 411 -4.05 22.63 3.48
N ASP A 412 -5.21 23.11 3.88
CA ASP A 412 -5.43 24.55 3.95
C ASP A 412 -4.43 25.33 4.78
N PHE A 413 -4.12 24.91 5.99
CA PHE A 413 -3.16 25.68 6.77
C PHE A 413 -1.75 25.73 6.14
N PRO A 414 -1.15 24.57 5.84
CA PRO A 414 0.18 24.55 5.23
C PRO A 414 0.23 25.40 3.96
N LYS A 415 -0.77 25.23 3.10
CA LYS A 415 -0.81 26.00 1.86
C LYS A 415 -0.92 27.50 2.13
N SER A 416 -1.49 27.88 3.27
CA SER A 416 -1.61 29.31 3.59
C SER A 416 -0.24 29.85 4.01
N GLU A 417 0.65 28.94 4.41
CA GLU A 417 2.00 29.29 4.86
C GLU A 417 3.03 29.04 3.76
N LYS A 418 2.55 28.75 2.56
CA LYS A 418 3.40 28.46 1.41
C LYS A 418 4.30 27.28 1.73
N LEU A 419 3.73 26.25 2.35
CA LEU A 419 4.47 25.04 2.68
C LEU A 419 3.80 23.80 2.12
N SER A 420 4.59 22.82 1.71
CA SER A 420 4.03 21.60 1.17
C SER A 420 3.31 20.86 2.31
N PRO A 421 2.02 20.53 2.13
CA PRO A 421 1.27 19.83 3.18
C PRO A 421 1.89 18.48 3.54
N ASP A 422 2.36 17.74 2.54
CA ASP A 422 2.96 16.44 2.81
C ASP A 422 4.23 16.61 3.64
N ALA A 423 5.06 17.58 3.27
CA ALA A 423 6.30 17.84 4.01
C ALA A 423 5.97 18.28 5.43
N PHE A 424 4.93 19.10 5.56
CA PHE A 424 4.51 19.59 6.87
C PHE A 424 4.15 18.42 7.78
N ILE A 425 3.33 17.50 7.26
CA ILE A 425 2.91 16.33 8.01
C ILE A 425 4.10 15.48 8.41
N GLN A 426 5.00 15.21 7.47
CA GLN A 426 6.18 14.39 7.77
C GLN A 426 7.02 15.02 8.90
N VAL A 427 7.23 16.34 8.85
CA VAL A 427 8.01 16.99 9.90
C VAL A 427 7.28 16.89 11.26
N ALA A 428 5.96 17.04 11.24
CA ALA A 428 5.19 16.93 12.47
C ALA A 428 5.42 15.53 13.07
N LEU A 429 5.39 14.52 12.22
CA LEU A 429 5.63 13.15 12.68
C LEU A 429 7.02 13.02 13.30
N GLN A 430 8.02 13.64 12.68
CA GLN A 430 9.38 13.61 13.21
C GLN A 430 9.40 14.25 14.59
N LEU A 431 8.66 15.35 14.76
CA LEU A 431 8.60 16.03 16.04
C LEU A 431 7.93 15.15 17.09
N ALA A 432 6.80 14.54 16.71
CA ALA A 432 6.07 13.69 17.62
C ALA A 432 6.93 12.52 18.11
N TYR A 433 7.65 11.89 17.18
CA TYR A 433 8.52 10.76 17.50
C TYR A 433 9.61 11.16 18.49
N TYR A 434 10.27 12.28 18.20
CA TYR A 434 11.34 12.79 19.05
C TYR A 434 10.84 13.10 20.46
N ARG A 435 9.66 13.70 20.55
CA ARG A 435 9.08 14.04 21.85
C ARG A 435 8.85 12.79 22.71
N ILE A 436 8.54 11.67 22.06
CA ILE A 436 8.30 10.43 22.78
C ILE A 436 9.58 9.67 23.11
N TYR A 437 10.45 9.53 22.11
CA TYR A 437 11.69 8.77 22.28
C TYR A 437 13.02 9.51 22.49
N GLY A 438 13.02 10.83 22.34
CA GLY A 438 14.25 11.57 22.57
C GLY A 438 15.36 11.41 21.54
N GLN A 439 15.05 10.82 20.40
CA GLN A 439 16.03 10.65 19.33
C GLN A 439 15.23 10.41 18.05
N ALA A 440 15.90 10.54 16.91
CA ALA A 440 15.23 10.32 15.64
C ALA A 440 15.38 8.86 15.25
N CYS A 441 14.67 8.42 14.21
CA CYS A 441 14.77 7.03 13.78
C CYS A 441 14.68 6.96 12.27
N ALA A 442 15.20 5.88 11.70
CA ALA A 442 15.12 5.68 10.26
C ALA A 442 13.64 5.78 9.90
N THR A 443 13.32 6.66 8.96
CA THR A 443 11.94 6.87 8.54
C THR A 443 11.83 6.73 7.02
N TYR A 444 10.78 6.05 6.60
CA TYR A 444 10.51 5.77 5.19
C TYR A 444 9.22 6.43 4.69
N GLU A 445 9.31 7.10 3.55
CA GLU A 445 8.13 7.66 2.91
C GLU A 445 8.32 7.32 1.45
N SER A 446 7.28 6.78 0.83
CA SER A 446 7.33 6.39 -0.56
C SER A 446 7.30 7.57 -1.54
N ALA A 447 8.14 7.51 -2.55
CA ALA A 447 8.20 8.53 -3.59
C ALA A 447 7.82 7.83 -4.89
N SER A 448 7.03 8.48 -5.74
CA SER A 448 6.64 7.86 -7.01
C SER A 448 7.68 8.11 -8.10
N LEU A 449 8.07 7.04 -8.80
CA LEU A 449 9.04 7.13 -9.88
C LEU A 449 8.36 7.08 -11.23
N ARG A 450 7.08 7.43 -11.27
CA ARG A 450 6.34 7.38 -12.51
C ARG A 450 6.84 8.32 -13.62
N MET A 451 7.79 9.20 -13.31
CA MET A 451 8.31 10.08 -14.35
C MET A 451 9.15 9.22 -15.29
N PHE A 452 9.42 7.99 -14.87
CA PHE A 452 10.24 7.08 -15.68
C PHE A 452 9.49 5.83 -16.11
N HIS A 453 9.86 5.31 -17.27
CA HIS A 453 9.21 4.12 -17.81
C HIS A 453 9.21 2.94 -16.84
N LEU A 454 8.01 2.47 -16.51
CA LEU A 454 7.79 1.35 -15.60
C LEU A 454 8.19 1.65 -14.17
N GLY A 455 8.39 2.93 -13.87
CA GLY A 455 8.79 3.31 -12.53
C GLY A 455 7.79 3.02 -11.44
N ARG A 456 8.28 2.50 -10.31
CA ARG A 456 7.43 2.20 -9.16
C ARG A 456 7.73 3.22 -8.06
N THR A 457 8.63 2.86 -7.14
CA THR A 457 8.96 3.75 -6.03
C THR A 457 10.44 3.83 -5.67
N ASP A 458 10.75 4.86 -4.87
CA ASP A 458 12.09 5.05 -4.31
C ASP A 458 11.80 5.60 -2.91
N THR A 459 12.85 5.78 -2.13
CA THR A 459 12.70 6.23 -0.74
C THR A 459 12.99 7.70 -0.43
N ILE A 460 12.08 8.31 0.32
CA ILE A 460 12.26 9.68 0.81
C ILE A 460 12.55 9.41 2.29
N ARG A 461 13.67 9.89 2.80
CA ARG A 461 14.03 9.68 4.20
C ARG A 461 13.70 10.95 4.98
N SER A 462 12.69 10.82 5.84
CA SER A 462 12.17 11.94 6.65
C SER A 462 13.01 12.37 7.84
N ALA A 463 13.91 11.50 8.29
CA ALA A 463 14.80 11.83 9.39
C ALA A 463 16.01 12.42 8.69
N SER A 464 16.25 13.71 8.88
CA SER A 464 17.39 14.37 8.22
C SER A 464 18.10 15.31 9.16
N ILE A 465 19.21 15.86 8.71
CA ILE A 465 19.96 16.80 9.52
C ILE A 465 19.06 17.95 9.93
N ASP A 466 18.29 18.47 8.99
CA ASP A 466 17.41 19.60 9.29
C ASP A 466 16.22 19.23 10.19
N SER A 467 15.62 18.06 9.98
CA SER A 467 14.49 17.69 10.84
C SER A 467 14.98 17.52 12.27
N LEU A 468 16.15 16.87 12.44
CA LEU A 468 16.68 16.69 13.79
C LEU A 468 16.99 18.03 14.46
N ALA A 469 17.54 18.98 13.68
CA ALA A 469 17.86 20.30 14.21
C ALA A 469 16.56 20.96 14.71
N PHE A 470 15.51 20.84 13.93
CA PHE A 470 14.23 21.41 14.30
C PHE A 470 13.61 20.76 15.53
N VAL A 471 13.49 19.43 15.55
CA VAL A 471 12.88 18.78 16.70
C VAL A 471 13.64 19.06 17.99
N LYS A 472 14.96 19.10 17.92
CA LYS A 472 15.75 19.39 19.11
C LYS A 472 15.51 20.83 19.55
N GLY A 473 15.57 21.75 18.60
CA GLY A 473 15.36 23.15 18.92
C GLY A 473 13.97 23.46 19.42
N MET A 474 13.00 22.69 18.94
CA MET A 474 11.61 22.90 19.33
C MET A 474 11.42 22.73 20.84
N GLY A 475 12.12 21.74 21.41
CA GLY A 475 12.02 21.50 22.82
C GLY A 475 13.17 22.04 23.65
N ASP A 476 13.98 22.90 23.03
CA ASP A 476 15.13 23.48 23.72
C ASP A 476 14.78 24.86 24.26
N SER A 477 14.73 24.99 25.59
CA SER A 477 14.39 26.25 26.24
C SER A 477 15.32 27.40 25.86
N THR A 478 16.53 27.09 25.41
CA THR A 478 17.50 28.12 25.05
C THR A 478 17.36 28.62 23.62
N VAL A 479 16.51 27.97 22.83
CA VAL A 479 16.32 28.37 21.44
C VAL A 479 15.08 29.24 21.34
N PRO A 480 15.24 30.53 21.01
CA PRO A 480 14.14 31.47 20.89
C PRO A 480 13.10 30.97 19.88
N GLU A 481 11.83 31.21 20.18
CA GLU A 481 10.77 30.78 19.28
C GLU A 481 11.05 31.24 17.85
N GLN A 482 11.61 32.43 17.69
CA GLN A 482 11.91 32.93 16.36
C GLN A 482 12.90 31.98 15.66
N GLN A 483 13.79 31.38 16.43
CA GLN A 483 14.77 30.46 15.85
C GLN A 483 14.07 29.14 15.58
N LYS A 484 13.16 28.77 16.47
CA LYS A 484 12.40 27.54 16.33
C LYS A 484 11.58 27.57 15.04
N VAL A 485 10.95 28.70 14.74
CA VAL A 485 10.12 28.78 13.54
C VAL A 485 10.97 28.72 12.27
N GLU A 486 12.19 29.26 12.33
CA GLU A 486 13.08 29.24 11.17
C GLU A 486 13.59 27.81 10.94
N LEU A 487 13.84 27.08 12.03
CA LEU A 487 14.30 25.69 11.91
C LEU A 487 13.15 24.85 11.32
N LEU A 488 11.92 25.19 11.71
CA LEU A 488 10.73 24.51 11.22
C LEU A 488 10.63 24.68 9.71
N ARG A 489 10.68 25.91 9.21
CA ARG A 489 10.56 26.12 7.77
C ARG A 489 11.69 25.44 6.99
N LYS A 490 12.89 25.42 7.56
CA LYS A 490 14.02 24.79 6.91
C LYS A 490 13.82 23.28 6.83
N ALA A 491 13.27 22.70 7.90
CA ALA A 491 13.03 21.25 7.93
C ALA A 491 11.97 20.87 6.89
N VAL A 492 10.92 21.67 6.80
CA VAL A 492 9.85 21.39 5.84
C VAL A 492 10.35 21.56 4.41
N GLN A 493 11.03 22.67 4.15
CA GLN A 493 11.56 22.92 2.82
C GLN A 493 12.60 21.86 2.44
N ALA A 494 13.36 21.40 3.43
CA ALA A 494 14.35 20.37 3.16
C ALA A 494 13.67 19.06 2.76
N HIS A 495 12.54 18.74 3.40
CA HIS A 495 11.80 17.53 3.08
C HIS A 495 11.23 17.62 1.67
N ARG A 496 10.66 18.77 1.35
CA ARG A 496 10.08 19.02 0.04
C ARG A 496 11.14 18.80 -1.03
N ALA A 497 12.34 19.31 -0.78
CA ALA A 497 13.44 19.17 -1.72
C ALA A 497 13.78 17.69 -1.92
N TYR A 498 13.87 16.94 -0.82
CA TYR A 498 14.18 15.50 -0.90
C TYR A 498 13.09 14.84 -1.74
N THR A 499 11.84 15.19 -1.46
CA THR A 499 10.71 14.63 -2.19
C THR A 499 10.83 14.87 -3.70
N ASP A 500 11.09 16.12 -4.07
CA ASP A 500 11.22 16.45 -5.48
C ASP A 500 12.40 15.72 -6.11
N ARG A 501 13.51 15.61 -5.38
CA ARG A 501 14.69 14.91 -5.91
C ARG A 501 14.37 13.44 -6.15
N ALA A 502 13.72 12.79 -5.20
CA ALA A 502 13.36 11.37 -5.33
C ALA A 502 12.48 11.12 -6.56
N ILE A 503 11.47 11.97 -6.76
CA ILE A 503 10.59 11.84 -7.91
C ILE A 503 11.37 11.99 -9.21
N ARG A 504 12.44 12.76 -9.18
CA ARG A 504 13.29 12.98 -10.36
C ARG A 504 14.37 11.91 -10.49
N GLY A 505 14.34 10.88 -9.64
CA GLY A 505 15.32 9.81 -9.73
C GLY A 505 16.67 10.14 -9.11
N GLU A 506 16.70 11.14 -8.24
CA GLU A 506 17.95 11.55 -7.61
C GLU A 506 18.09 11.05 -6.18
N ALA A 507 17.15 10.20 -5.74
CA ALA A 507 17.24 9.63 -4.39
C ALA A 507 18.30 8.54 -4.46
N PHE A 508 18.62 7.89 -3.34
CA PHE A 508 19.67 6.88 -3.35
C PHE A 508 19.31 5.46 -2.89
N ASP A 509 18.19 5.28 -2.22
CA ASP A 509 17.88 3.93 -1.72
C ASP A 509 17.76 2.81 -2.74
N ARG A 510 17.08 3.02 -3.86
CA ARG A 510 16.98 1.92 -4.84
C ARG A 510 18.34 1.74 -5.52
N HIS A 511 19.10 2.81 -5.65
CA HIS A 511 20.42 2.73 -6.27
C HIS A 511 21.33 1.85 -5.42
N LEU A 512 21.37 2.11 -4.11
CA LEU A 512 22.21 1.31 -3.23
C LEU A 512 21.77 -0.14 -3.25
N LEU A 513 20.45 -0.37 -3.34
CA LEU A 513 19.93 -1.74 -3.41
C LEU A 513 20.43 -2.36 -4.71
N GLY A 514 20.44 -1.58 -5.77
CA GLY A 514 20.87 -2.07 -7.07
C GLY A 514 22.32 -2.50 -7.03
N LEU A 515 23.16 -1.68 -6.43
CA LEU A 515 24.59 -2.00 -6.31
C LEU A 515 24.76 -3.32 -5.55
N LYS A 516 23.95 -3.50 -4.51
CA LYS A 516 24.03 -4.73 -3.72
C LYS A 516 23.61 -5.94 -4.55
N LEU A 517 22.50 -5.81 -5.27
CA LEU A 517 22.01 -6.91 -6.09
C LEU A 517 22.97 -7.22 -7.24
N GLN A 518 23.60 -6.19 -7.77
CA GLN A 518 24.55 -6.38 -8.87
C GLN A 518 25.70 -7.26 -8.39
N ALA A 519 26.19 -6.98 -7.19
CA ALA A 519 27.28 -7.74 -6.59
C ALA A 519 26.89 -9.20 -6.41
N ILE A 520 25.65 -9.42 -5.97
CA ILE A 520 25.15 -10.76 -5.76
C ILE A 520 25.18 -11.51 -7.09
N GLU A 521 24.63 -10.90 -8.13
CA GLU A 521 24.59 -11.50 -9.46
C GLU A 521 25.98 -11.75 -10.06
N ASP A 522 26.92 -10.86 -9.78
CA ASP A 522 28.28 -10.99 -10.30
C ASP A 522 29.06 -12.05 -9.52
N LEU A 523 28.46 -12.54 -8.44
CA LEU A 523 29.07 -13.55 -7.59
C LEU A 523 30.32 -13.05 -6.86
N VAL A 524 30.31 -11.78 -6.47
CA VAL A 524 31.44 -11.20 -5.73
C VAL A 524 31.07 -11.15 -4.24
N SER A 525 32.07 -11.14 -3.37
CA SER A 525 31.82 -11.11 -1.93
C SER A 525 31.03 -9.87 -1.54
N MET A 526 30.02 -10.07 -0.70
CA MET A 526 29.16 -8.96 -0.24
C MET A 526 30.00 -7.75 0.18
N PRO A 527 29.80 -6.59 -0.47
CA PRO A 527 30.57 -5.39 -0.14
C PRO A 527 30.41 -4.97 1.34
N ASP A 528 31.51 -4.51 1.94
CA ASP A 528 31.51 -4.10 3.35
C ASP A 528 30.42 -3.09 3.69
N ILE A 529 30.19 -2.18 2.76
CA ILE A 529 29.21 -1.12 2.97
C ILE A 529 27.81 -1.67 3.24
N PHE A 530 27.54 -2.89 2.78
CA PHE A 530 26.23 -3.50 3.01
C PHE A 530 26.16 -4.35 4.27
N MET A 531 27.32 -4.76 4.78
CA MET A 531 27.38 -5.54 6.01
C MET A 531 27.55 -4.59 7.19
N ASP A 532 27.72 -3.30 6.88
CA ASP A 532 27.90 -2.22 7.84
C ASP A 532 26.71 -2.06 8.78
N THR A 533 26.97 -1.85 10.07
CA THR A 533 25.90 -1.66 11.04
C THR A 533 25.04 -0.45 10.65
N SER A 534 25.68 0.60 10.12
CA SER A 534 24.94 1.79 9.71
C SER A 534 23.87 1.49 8.68
N TYR A 535 24.17 0.58 7.75
CA TYR A 535 23.22 0.21 6.71
C TYR A 535 22.05 -0.54 7.33
N ALA A 536 22.34 -1.40 8.30
CA ALA A 536 21.30 -2.16 8.98
C ALA A 536 20.33 -1.19 9.65
N ILE A 537 20.89 -0.18 10.33
CA ILE A 537 20.06 0.81 11.00
C ILE A 537 19.26 1.60 9.97
N ALA A 538 19.92 2.00 8.89
CA ALA A 538 19.28 2.78 7.84
C ALA A 538 18.08 2.08 7.20
N MET A 539 18.14 0.76 7.06
CA MET A 539 17.06 0.00 6.44
C MET A 539 16.03 -0.60 7.40
N HIS A 540 16.18 -0.32 8.69
CA HIS A 540 15.25 -0.82 9.71
C HIS A 540 14.34 0.37 10.06
N PHE A 541 13.22 0.49 9.35
CA PHE A 541 12.32 1.64 9.52
C PHE A 541 11.31 1.65 10.67
N ASN A 542 11.73 2.19 11.81
CA ASN A 542 10.87 2.29 12.98
C ASN A 542 9.62 3.11 12.64
N LEU A 543 9.74 3.97 11.63
CA LEU A 543 8.60 4.75 11.14
C LEU A 543 8.49 4.47 9.63
N SER A 544 7.39 3.85 9.22
CA SER A 544 7.18 3.57 7.80
C SER A 544 5.87 4.28 7.48
N THR A 545 5.94 5.20 6.53
CA THR A 545 4.77 6.01 6.19
C THR A 545 4.35 5.98 4.72
N SER A 546 3.14 6.45 4.47
CA SER A 546 2.62 6.54 3.12
C SER A 546 1.48 7.55 3.10
N GLN A 547 1.38 8.28 1.99
CA GLN A 547 0.31 9.24 1.82
C GLN A 547 -0.67 8.65 0.82
N VAL A 548 -1.95 8.87 1.05
CA VAL A 548 -3.02 8.41 0.14
C VAL A 548 -3.73 9.69 -0.26
N PRO A 549 -3.17 10.40 -1.25
CA PRO A 549 -3.72 11.66 -1.77
C PRO A 549 -4.98 11.50 -2.60
N ALA A 550 -6.03 10.95 -2.00
CA ALA A 550 -7.28 10.73 -2.73
C ALA A 550 -8.27 11.88 -2.54
N LYS A 551 -9.18 12.03 -3.50
CA LYS A 551 -10.20 13.07 -3.43
C LYS A 551 -11.30 12.54 -2.51
N THR A 552 -11.46 11.23 -2.51
CA THR A 552 -12.45 10.57 -1.66
C THR A 552 -11.98 10.69 -0.23
N ASP A 553 -12.90 10.92 0.70
CA ASP A 553 -12.57 11.04 2.12
C ASP A 553 -12.29 9.63 2.65
N CYS A 554 -11.10 9.13 2.38
CA CYS A 554 -10.73 7.78 2.83
C CYS A 554 -9.31 7.79 3.38
N VAL A 555 -8.86 6.63 3.85
CA VAL A 555 -7.49 6.52 4.35
C VAL A 555 -7.05 5.07 4.31
N GLY A 556 -5.73 4.86 4.27
CA GLY A 556 -5.22 3.51 4.23
C GLY A 556 -4.53 3.20 5.54
N PHE A 557 -4.10 1.95 5.69
CA PHE A 557 -3.42 1.52 6.90
C PHE A 557 -2.70 0.21 6.60
N PHE A 558 -1.68 -0.08 7.39
CA PHE A 558 -0.89 -1.29 7.23
C PHE A 558 -0.09 -1.45 8.52
N GLY A 559 0.45 -2.65 8.74
CA GLY A 559 1.23 -2.87 9.94
C GLY A 559 2.63 -2.32 9.78
N PRO A 560 3.34 -2.08 10.89
CA PRO A 560 4.72 -1.56 10.89
C PRO A 560 5.61 -2.55 10.14
N VAL A 561 6.67 -2.05 9.51
CA VAL A 561 7.56 -2.92 8.77
C VAL A 561 8.60 -3.61 9.66
N VAL A 562 8.70 -3.17 10.91
CA VAL A 562 9.61 -3.78 11.88
C VAL A 562 8.84 -4.00 13.19
N PRO A 563 9.28 -4.96 14.02
CA PRO A 563 8.61 -5.26 15.30
C PRO A 563 8.45 -4.09 16.27
N ASP A 564 9.50 -3.26 16.35
CA ASP A 564 9.51 -2.09 17.24
C ASP A 564 9.21 -0.81 16.48
N GLY A 565 8.32 -0.89 15.49
CA GLY A 565 8.01 0.30 14.73
C GLY A 565 6.54 0.67 14.63
N TYR A 566 6.27 1.67 13.81
CA TYR A 566 4.92 2.16 13.58
C TYR A 566 4.64 2.20 12.08
N GLY A 567 3.37 2.05 11.73
CA GLY A 567 2.94 2.14 10.35
C GLY A 567 2.00 3.33 10.35
N ILE A 568 2.36 4.39 9.64
CA ILE A 568 1.52 5.58 9.62
C ILE A 568 1.09 6.01 8.21
N CYS A 569 -0.22 6.05 8.01
CA CYS A 569 -0.80 6.40 6.72
C CYS A 569 -1.71 7.62 6.87
N TYR A 570 -1.76 8.46 5.84
CA TYR A 570 -2.61 9.63 5.91
C TYR A 570 -3.08 10.13 4.56
N ASN A 571 -4.25 10.78 4.58
CA ASN A 571 -4.82 11.37 3.39
C ASN A 571 -5.19 12.79 3.79
N PRO A 572 -4.41 13.77 3.33
CA PRO A 572 -4.66 15.17 3.65
C PRO A 572 -5.82 15.67 2.81
N MET A 573 -6.89 16.12 3.46
CA MET A 573 -8.05 16.67 2.75
C MET A 573 -7.92 18.18 2.91
N GLU A 574 -8.87 18.94 2.37
CA GLU A 574 -8.76 20.39 2.46
C GLU A 574 -8.73 20.95 3.87
N ALA A 575 -9.68 20.53 4.71
CA ALA A 575 -9.76 21.05 6.07
C ALA A 575 -9.53 20.08 7.23
N HIS A 576 -9.13 18.86 6.91
CA HIS A 576 -8.83 17.88 7.95
C HIS A 576 -7.88 16.86 7.35
N ILE A 577 -7.34 15.97 8.18
CA ILE A 577 -6.44 14.95 7.68
C ILE A 577 -6.83 13.61 8.28
N ASN A 578 -6.96 12.60 7.44
CA ASN A 578 -7.30 11.26 7.90
C ASN A 578 -5.98 10.56 8.23
N PHE A 579 -5.85 10.03 9.44
CA PHE A 579 -4.65 9.32 9.87
C PHE A 579 -4.96 7.93 10.39
N SER A 580 -4.01 7.01 10.24
CA SER A 580 -4.09 5.67 10.79
C SER A 580 -2.70 5.47 11.38
N VAL A 581 -2.64 4.92 12.58
CA VAL A 581 -1.35 4.66 13.25
C VAL A 581 -1.40 3.23 13.77
N SER A 582 -0.45 2.40 13.33
CA SER A 582 -0.39 1.01 13.75
C SER A 582 0.91 0.72 14.48
N ALA A 583 0.87 -0.31 15.32
CA ALA A 583 2.03 -0.74 16.11
C ALA A 583 1.78 -2.18 16.54
N TYR A 584 2.82 -2.84 17.06
CA TYR A 584 2.68 -4.22 17.52
C TYR A 584 2.74 -4.27 19.04
N ASN A 585 1.78 -4.95 19.66
CA ASN A 585 1.73 -5.06 21.11
C ASN A 585 2.94 -5.78 21.69
N SER A 586 3.48 -6.73 20.93
CA SER A 586 4.64 -7.50 21.37
C SER A 586 5.84 -6.61 21.69
N CYS A 587 5.79 -5.36 21.23
CA CYS A 587 6.85 -4.40 21.50
C CYS A 587 6.29 -3.41 22.52
N ALA A 588 6.72 -3.56 23.76
CA ALA A 588 6.26 -2.70 24.85
C ALA A 588 6.53 -1.21 24.67
N GLU A 589 7.57 -0.88 23.90
CA GLU A 589 7.95 0.51 23.69
C GLU A 589 7.06 1.29 22.73
N THR A 590 6.23 0.59 21.96
CA THR A 590 5.35 1.30 21.03
C THR A 590 3.89 1.26 21.44
N ASN A 591 3.19 2.35 21.14
CA ASN A 591 1.78 2.49 21.46
C ASN A 591 1.12 3.40 20.43
N ALA A 592 0.25 2.83 19.61
CA ALA A 592 -0.43 3.58 18.56
C ALA A 592 -1.22 4.80 19.07
N ALA A 593 -1.98 4.60 20.14
CA ALA A 593 -2.76 5.69 20.70
C ALA A 593 -1.86 6.84 21.14
N ARG A 594 -0.79 6.50 21.84
CA ARG A 594 0.14 7.51 22.32
C ARG A 594 0.78 8.24 21.14
N MET A 595 1.10 7.51 20.08
CA MET A 595 1.70 8.13 18.91
C MET A 595 0.70 9.07 18.23
N ALA A 596 -0.56 8.64 18.11
CA ALA A 596 -1.58 9.47 17.48
C ALA A 596 -1.79 10.76 18.27
N HIS A 597 -1.74 10.65 19.60
CA HIS A 597 -1.90 11.80 20.47
C HIS A 597 -0.78 12.81 20.27
N TYR A 598 0.46 12.33 20.26
CA TYR A 598 1.61 13.21 20.08
C TYR A 598 1.62 13.83 18.69
N LEU A 599 1.22 13.05 17.69
CA LEU A 599 1.19 13.55 16.32
C LEU A 599 0.21 14.71 16.23
N GLU A 600 -0.96 14.54 16.84
CA GLU A 600 -1.97 15.59 16.83
C GLU A 600 -1.41 16.86 17.48
N LYS A 601 -0.73 16.70 18.61
CA LYS A 601 -0.17 17.86 19.31
C LYS A 601 0.98 18.49 18.54
N ALA A 602 1.73 17.66 17.82
CA ALA A 602 2.86 18.16 17.03
C ALA A 602 2.32 19.04 15.92
N LEU A 603 1.29 18.56 15.23
CA LEU A 603 0.69 19.31 14.14
C LEU A 603 0.19 20.65 14.68
N LEU A 604 -0.47 20.61 15.83
CA LEU A 604 -0.99 21.82 16.44
C LEU A 604 0.08 22.81 16.89
N ASP A 605 1.15 22.31 17.52
CA ASP A 605 2.23 23.19 17.98
C ASP A 605 2.95 23.86 16.82
N MET A 606 3.11 23.13 15.72
CA MET A 606 3.76 23.71 14.54
C MET A 606 2.89 24.83 14.00
N ARG A 607 1.57 24.63 13.99
CA ARG A 607 0.68 25.68 13.49
C ARG A 607 0.76 26.91 14.39
N THR A 608 0.71 26.68 15.71
CA THR A 608 0.78 27.79 16.65
C THR A 608 2.07 28.60 16.48
N LEU A 609 3.20 27.90 16.37
CA LEU A 609 4.50 28.57 16.20
C LEU A 609 4.52 29.43 14.94
N LEU A 610 4.08 28.86 13.83
CA LEU A 610 4.08 29.59 12.57
C LEU A 610 3.17 30.84 12.62
N GLN A 611 1.95 30.65 13.11
CA GLN A 611 1.00 31.76 13.17
C GLN A 611 1.38 32.88 14.11
N ASN A 612 2.21 32.59 15.10
CA ASN A 612 2.62 33.65 16.02
C ASN A 612 3.94 34.30 15.63
N HIS A 613 4.62 33.74 14.63
CA HIS A 613 5.89 34.29 14.19
C HIS A 613 5.92 34.35 12.66
N PRO A 614 5.06 35.19 12.07
CA PRO A 614 4.93 35.38 10.62
C PRO A 614 6.16 36.04 10.04
N ARG A 615 6.24 36.12 8.72
CA ARG A 615 7.36 36.75 8.05
C ARG A 615 7.44 38.25 8.30
N ALA A 616 7.07 39.06 7.30
CA ALA A 616 7.14 40.50 7.45
C ALA A 616 6.09 41.25 6.65
N LYS A 617 5.75 42.44 7.13
CA LYS A 617 4.75 43.28 6.48
C LYS A 617 5.43 44.33 5.59
#